data_3QFP
#
_entry.id   3QFP
#
_cell.length_a   64.004
_cell.length_b   64.053
_cell.length_c   100.401
_cell.angle_alpha   90.00
_cell.angle_beta   90.00
_cell.angle_gamma   90.00
#
_symmetry.space_group_name_H-M   'P 21 21 21'
#
loop_
_entity.id
_entity.type
_entity.pdbx_description
1 polymer '78 kDa glucose-regulated protein homolog'
2 non-polymer 'PHOSPHATE ION'
3 water water
#
_entity_poly.entity_id   1
_entity_poly.type   'polypeptide(L)'
_entity_poly.pdbx_seq_one_letter_code
;GMSHASADDVENYGTVIGIDLGTTYSCVAVMKNGKTEILANEQGNRITPSYVAFTDDERLIGDAAKNQVAANPQNTIFDI
KRLIGLKYNDRSVQKDIKHLPFNVVNKDGKPAVEVSVKGEKKVFTPEEISGMILGKMKQIAEDYLGTKVTHAVVTVPAYF
NDAQRQATKDAGTIAGLNVLRIVNEPTAAAIAYGLDKSDKEHQIIVYDLGGGTFDVSLLSIENGVFEVQATSGDTHLGGE
DFDYKIVRQLIKAFKKKHGIDVSDNNKALAKLKREAEKAKRALSSQMSTRIEIDSFVDGIDLSETLTRAKFEELNLDLFK
KTLKPVEKVLQDSGLEKKDVDDIVLVGGSTRIPKVQQLLESYFDGKKASKGINPDEAVAYGAAVQAGVLS
;
_entity_poly.pdbx_strand_id   A
#
# COMPACT_ATOMS: atom_id res chain seq x y z
N TYR A 13 28.39 -3.11 6.57
CA TYR A 13 26.95 -3.11 6.15
C TYR A 13 26.73 -2.42 4.80
N GLY A 14 27.71 -1.62 4.38
CA GLY A 14 27.56 -0.75 3.21
C GLY A 14 26.50 0.30 3.46
N THR A 15 25.86 0.75 2.38
CA THR A 15 24.75 1.70 2.48
C THR A 15 23.45 0.91 2.71
N VAL A 16 22.88 1.06 3.90
CA VAL A 16 21.66 0.34 4.29
C VAL A 16 20.44 1.11 3.82
N ILE A 17 19.57 0.44 3.06
CA ILE A 17 18.38 1.07 2.50
C ILE A 17 17.12 0.74 3.30
N GLY A 18 16.11 1.59 3.18
CA GLY A 18 14.82 1.36 3.80
C GLY A 18 13.76 1.01 2.77
N ILE A 19 13.02 -0.06 3.03
CA ILE A 19 11.98 -0.51 2.10
C ILE A 19 10.62 -0.69 2.75
N ASP A 20 9.64 0.04 2.23
CA ASP A 20 8.24 -0.19 2.54
C ASP A 20 7.73 -1.21 1.52
N LEU A 21 7.61 -2.46 1.95
CA LEU A 21 7.06 -3.51 1.10
C LEU A 21 5.56 -3.58 1.37
N GLY A 22 4.80 -2.84 0.58
CA GLY A 22 3.37 -2.68 0.79
C GLY A 22 2.50 -3.65 0.01
N THR A 23 1.21 -3.65 0.34
CA THR A 23 0.22 -4.54 -0.26
C THR A 23 0.02 -4.24 -1.75
N THR A 24 -0.15 -2.97 -2.08
CA THR A 24 -0.43 -2.55 -3.46
C THR A 24 0.74 -1.82 -4.11
N TYR A 25 1.51 -1.09 -3.30
CA TYR A 25 2.67 -0.34 -3.77
C TYR A 25 3.85 -0.51 -2.82
N SER A 26 5.05 -0.48 -3.39
CA SER A 26 6.30 -0.52 -2.60
C SER A 26 7.09 0.76 -2.81
N CYS A 27 8.02 1.02 -1.88
CA CYS A 27 8.76 2.29 -1.86
C CYS A 27 10.14 2.10 -1.24
N VAL A 28 11.16 2.66 -1.91
CA VAL A 28 12.54 2.65 -1.39
C VAL A 28 13.03 4.03 -1.00
N ALA A 29 13.87 4.07 0.03
CA ALA A 29 14.47 5.31 0.50
C ALA A 29 15.85 5.06 1.10
N VAL A 30 16.71 6.08 1.07
CA VAL A 30 18.04 6.01 1.70
C VAL A 30 18.36 7.33 2.42
N MET A 31 19.13 7.23 3.51
CA MET A 31 19.76 8.40 4.12
C MET A 31 21.12 8.65 3.48
N LYS A 35 20.00 13.55 5.43
CA LYS A 35 18.80 13.77 4.62
C LYS A 35 18.32 12.48 3.98
N THR A 36 17.03 12.20 4.15
CA THR A 36 16.41 11.00 3.61
C THR A 36 15.76 11.31 2.26
N GLU A 37 16.10 10.51 1.26
CA GLU A 37 15.55 10.69 -0.08
C GLU A 37 14.75 9.47 -0.51
N ILE A 38 13.58 9.72 -1.09
CA ILE A 38 12.76 8.66 -1.68
C ILE A 38 13.23 8.45 -3.12
N LEU A 39 13.43 7.18 -3.48
CA LEU A 39 14.02 6.82 -4.76
C LEU A 39 12.97 6.56 -5.84
N ALA A 40 13.17 7.17 -7.01
CA ALA A 40 12.27 6.99 -8.15
C ALA A 40 12.75 5.83 -9.02
N ASN A 41 11.78 5.08 -9.57
CA ASN A 41 12.10 3.94 -10.44
C ASN A 41 12.52 4.35 -11.86
N GLU A 42 12.70 3.36 -12.73
CA GLU A 42 13.11 3.57 -14.13
C GLU A 42 12.10 4.41 -14.93
N GLN A 43 10.84 4.36 -14.55
CA GLN A 43 9.79 5.15 -15.21
C GLN A 43 9.54 6.48 -14.49
N GLY A 44 10.37 6.76 -13.49
CA GLY A 44 10.33 8.04 -12.76
C GLY A 44 9.33 8.13 -11.62
N ASN A 45 8.76 6.98 -11.24
CA ASN A 45 7.77 6.92 -10.16
C ASN A 45 8.40 6.60 -8.81
N ARG A 46 8.06 7.41 -7.81
CA ARG A 46 8.60 7.23 -6.46
C ARG A 46 7.92 6.11 -5.68
N ILE A 47 6.79 5.64 -6.18
CA ILE A 47 6.16 4.42 -5.68
C ILE A 47 6.07 3.38 -6.80
N THR A 48 6.30 2.11 -6.46
CA THR A 48 6.30 1.02 -7.43
C THR A 48 5.26 -0.03 -7.05
N PRO A 49 4.32 -0.35 -7.98
CA PRO A 49 3.25 -1.32 -7.70
C PRO A 49 3.80 -2.68 -7.27
N SER A 50 3.22 -3.25 -6.22
CA SER A 50 3.62 -4.58 -5.74
C SER A 50 3.03 -5.65 -6.65
N TYR A 51 3.50 -5.66 -7.90
CA TYR A 51 2.98 -6.51 -8.96
C TYR A 51 4.10 -7.28 -9.64
N VAL A 52 3.86 -8.57 -9.88
CA VAL A 52 4.76 -9.38 -10.70
C VAL A 52 3.97 -10.13 -11.78
N ALA A 53 4.41 -9.99 -13.03
CA ALA A 53 3.76 -10.65 -14.14
C ALA A 53 4.68 -11.64 -14.84
N PHE A 54 4.12 -12.76 -15.27
CA PHE A 54 4.89 -13.82 -15.93
C PHE A 54 4.43 -14.00 -17.38
N THR A 55 5.29 -13.60 -18.31
CA THR A 55 5.02 -13.77 -19.74
C THR A 55 6.01 -14.76 -20.34
N ASP A 56 5.81 -15.08 -21.62
CA ASP A 56 6.70 -16.00 -22.34
C ASP A 56 8.05 -15.36 -22.66
N ASP A 57 8.05 -14.04 -22.85
CA ASP A 57 9.26 -13.32 -23.22
C ASP A 57 10.13 -12.92 -22.03
N GLU A 58 9.50 -12.42 -20.97
CA GLU A 58 10.24 -11.96 -19.78
C GLU A 58 9.38 -11.92 -18.50
N ARG A 59 10.05 -11.72 -17.37
CA ARG A 59 9.38 -11.50 -16.10
C ARG A 59 9.25 -10.00 -15.85
N LEU A 60 8.03 -9.56 -15.55
CA LEU A 60 7.76 -8.15 -15.33
C LEU A 60 7.48 -7.87 -13.85
N ILE A 61 8.08 -6.80 -13.34
CA ILE A 61 7.89 -6.40 -11.94
C ILE A 61 7.59 -4.89 -11.87
N GLY A 62 6.57 -4.53 -11.11
CA GLY A 62 6.20 -3.13 -10.91
C GLY A 62 5.21 -2.59 -11.92
N ASP A 63 5.50 -1.40 -12.47
CA ASP A 63 4.61 -0.72 -13.40
C ASP A 63 4.28 -1.54 -14.64
N ALA A 64 5.29 -2.16 -15.24
CA ALA A 64 5.13 -2.99 -16.43
C ALA A 64 4.13 -4.13 -16.19
N ALA A 65 4.21 -4.74 -15.01
CA ALA A 65 3.31 -5.82 -14.61
C ALA A 65 1.87 -5.34 -14.43
N LYS A 66 1.70 -4.20 -13.75
CA LYS A 66 0.38 -3.63 -13.48
C LYS A 66 -0.31 -3.14 -14.76
N ASN A 67 0.48 -2.54 -15.66
CA ASN A 67 -0.04 -2.00 -16.92
C ASN A 67 -0.60 -3.05 -17.90
N GLN A 68 -0.19 -4.29 -17.74
CA GLN A 68 -0.67 -5.39 -18.60
C GLN A 68 -1.56 -6.41 -17.86
N VAL A 69 -1.98 -6.08 -16.65
CA VAL A 69 -2.78 -6.98 -15.81
C VAL A 69 -4.07 -7.45 -16.52
N ALA A 70 -4.67 -6.55 -17.30
CA ALA A 70 -5.90 -6.84 -18.03
C ALA A 70 -5.71 -7.89 -19.11
N ALA A 71 -4.59 -7.80 -19.84
CA ALA A 71 -4.27 -8.72 -20.93
C ALA A 71 -3.81 -10.09 -20.42
N ASN A 72 -3.22 -10.12 -19.24
CA ASN A 72 -2.63 -11.32 -18.69
C ASN A 72 -3.02 -11.53 -17.21
N PRO A 73 -4.34 -11.74 -16.95
CA PRO A 73 -4.83 -11.81 -15.57
C PRO A 73 -4.41 -13.07 -14.82
N GLN A 74 -4.24 -14.17 -15.55
CA GLN A 74 -3.90 -15.47 -14.96
C GLN A 74 -2.47 -15.52 -14.44
N ASN A 75 -1.58 -14.75 -15.07
CA ASN A 75 -0.16 -14.78 -14.74
C ASN A 75 0.38 -13.49 -14.13
N THR A 76 -0.52 -12.61 -13.71
CA THR A 76 -0.12 -11.39 -12.99
C THR A 76 -0.53 -11.50 -11.52
N ILE A 77 0.48 -11.48 -10.65
CA ILE A 77 0.26 -11.65 -9.22
C ILE A 77 0.29 -10.32 -8.49
N PHE A 78 -0.69 -10.13 -7.60
CA PHE A 78 -0.77 -8.95 -6.75
C PHE A 78 -1.33 -9.38 -5.38
N ASP A 79 -1.31 -8.46 -4.42
CA ASP A 79 -1.82 -8.71 -3.07
C ASP A 79 -1.24 -9.95 -2.39
N ILE A 80 0.04 -10.23 -2.65
CA ILE A 80 0.69 -11.39 -2.05
C ILE A 80 1.07 -11.17 -0.57
N LYS A 81 1.13 -9.91 -0.16
CA LYS A 81 1.30 -9.55 1.24
C LYS A 81 0.14 -10.07 2.09
N ARG A 82 -1.01 -10.29 1.46
CA ARG A 82 -2.16 -10.90 2.10
C ARG A 82 -1.97 -12.39 2.40
N LEU A 83 -0.99 -13.01 1.76
CA LEU A 83 -0.76 -14.45 1.88
C LEU A 83 0.56 -14.82 2.56
N ILE A 84 1.44 -13.84 2.73
CA ILE A 84 2.79 -14.08 3.24
C ILE A 84 2.81 -14.51 4.71
N GLY A 85 3.53 -15.60 4.99
CA GLY A 85 3.69 -16.12 6.35
C GLY A 85 2.50 -16.85 6.93
N LEU A 86 1.46 -17.04 6.13
CA LEU A 86 0.23 -17.68 6.59
C LEU A 86 0.07 -19.10 6.07
N LYS A 87 -0.87 -19.84 6.66
CA LYS A 87 -1.15 -21.22 6.25
C LYS A 87 -2.29 -21.23 5.23
N TYR A 88 -2.32 -22.27 4.40
CA TYR A 88 -3.33 -22.41 3.35
C TYR A 88 -4.75 -22.54 3.94
N ASN A 89 -4.85 -23.24 5.08
CA ASN A 89 -6.14 -23.47 5.73
C ASN A 89 -6.64 -22.34 6.63
N ASP A 90 -5.83 -21.28 6.78
CA ASP A 90 -6.23 -20.08 7.50
C ASP A 90 -7.47 -19.46 6.85
N ARG A 91 -8.36 -18.92 7.68
CA ARG A 91 -9.64 -18.40 7.20
C ARG A 91 -9.50 -17.16 6.33
N SER A 92 -8.50 -16.33 6.62
CA SER A 92 -8.23 -15.12 5.84
C SER A 92 -7.69 -15.47 4.45
N VAL A 93 -6.87 -16.51 4.38
CA VAL A 93 -6.29 -17.00 3.13
C VAL A 93 -7.37 -17.58 2.22
N GLN A 94 -8.21 -18.44 2.77
CA GLN A 94 -9.35 -19.01 2.05
C GLN A 94 -10.31 -17.94 1.54
N LYS A 95 -10.47 -16.88 2.33
CA LYS A 95 -11.26 -15.71 1.95
C LYS A 95 -10.63 -14.97 0.79
N ASP A 96 -9.34 -14.67 0.91
CA ASP A 96 -8.58 -13.91 -0.09
C ASP A 96 -8.39 -14.65 -1.42
N ILE A 97 -8.32 -15.99 -1.37
CA ILE A 97 -8.23 -16.82 -2.58
C ILE A 97 -9.48 -16.65 -3.45
N LEU A 100 -6.70 -13.46 -6.31
CA LEU A 100 -7.93 -14.18 -6.68
C LEU A 100 -8.07 -14.55 -8.17
N PRO A 101 -7.65 -13.67 -9.11
CA PRO A 101 -7.81 -14.05 -10.51
C PRO A 101 -6.77 -15.06 -10.99
N PHE A 102 -5.74 -15.26 -10.17
CA PHE A 102 -4.68 -16.24 -10.45
C PHE A 102 -4.85 -17.45 -9.54
N ASN A 103 -4.34 -18.60 -10.00
CA ASN A 103 -4.42 -19.85 -9.24
C ASN A 103 -3.53 -19.84 -8.00
N VAL A 104 -4.16 -20.05 -6.85
CA VAL A 104 -3.45 -20.23 -5.58
C VAL A 104 -3.57 -21.69 -5.17
N VAL A 105 -2.43 -22.36 -5.03
CA VAL A 105 -2.40 -23.78 -4.68
C VAL A 105 -1.88 -24.02 -3.26
N ASN A 106 -2.03 -25.25 -2.79
CA ASN A 106 -1.53 -25.68 -1.49
C ASN A 106 -0.18 -26.37 -1.64
N LYS A 107 0.87 -25.67 -1.23
CA LYS A 107 2.23 -26.21 -1.24
C LYS A 107 2.72 -26.35 0.18
N ASP A 108 2.74 -27.60 0.68
CA ASP A 108 3.17 -27.93 2.03
C ASP A 108 2.45 -27.14 3.13
N GLY A 109 1.13 -27.06 3.03
CA GLY A 109 0.31 -26.37 4.01
C GLY A 109 0.29 -24.85 3.88
N LYS A 110 1.03 -24.34 2.90
CA LYS A 110 1.16 -22.89 2.67
C LYS A 110 0.60 -22.48 1.30
N PRO A 111 0.00 -21.27 1.22
CA PRO A 111 -0.48 -20.76 -0.06
C PRO A 111 0.69 -20.45 -1.02
N ALA A 112 0.55 -20.90 -2.26
CA ALA A 112 1.55 -20.64 -3.29
C ALA A 112 0.85 -20.34 -4.61
N VAL A 113 1.43 -19.43 -5.39
CA VAL A 113 0.84 -19.02 -6.67
C VAL A 113 1.31 -19.90 -7.82
N GLU A 114 0.39 -20.23 -8.71
CA GLU A 114 0.69 -21.08 -9.86
C GLU A 114 0.47 -20.33 -11.17
N VAL A 115 1.55 -20.13 -11.91
CA VAL A 115 1.51 -19.46 -13.21
C VAL A 115 1.96 -20.39 -14.33
N SER A 116 1.71 -20.00 -15.57
CA SER A 116 2.09 -20.80 -16.74
C SER A 116 2.99 -20.01 -17.68
N VAL A 117 4.21 -20.53 -17.87
CA VAL A 117 5.18 -19.94 -18.80
C VAL A 117 5.67 -20.99 -19.78
N LYS A 118 5.55 -20.70 -21.07
CA LYS A 118 5.99 -21.58 -22.17
C LYS A 118 5.29 -22.94 -22.19
N GLY A 119 4.08 -23.00 -21.63
CA GLY A 119 3.29 -24.24 -21.62
C GLY A 119 3.56 -25.15 -20.43
N GLU A 120 4.33 -24.65 -19.46
CA GLU A 120 4.62 -25.39 -18.22
C GLU A 120 4.23 -24.59 -16.99
N LYS A 121 3.72 -25.30 -15.98
CA LYS A 121 3.32 -24.65 -14.73
C LYS A 121 4.52 -24.33 -13.85
N LYS A 122 4.45 -23.18 -13.17
CA LYS A 122 5.49 -22.75 -12.23
C LYS A 122 4.83 -22.35 -10.92
N VAL A 123 5.37 -22.86 -9.82
CA VAL A 123 4.84 -22.57 -8.50
C VAL A 123 5.82 -21.69 -7.73
N PHE A 124 5.33 -20.54 -7.26
CA PHE A 124 6.13 -19.60 -6.48
C PHE A 124 5.50 -19.35 -5.12
N THR A 125 6.33 -19.35 -4.08
CA THR A 125 5.90 -19.02 -2.72
C THR A 125 5.72 -17.50 -2.60
N PRO A 126 4.95 -17.03 -1.59
CA PRO A 126 4.83 -15.60 -1.33
C PRO A 126 6.16 -14.94 -0.96
N GLU A 127 7.07 -15.71 -0.36
CA GLU A 127 8.44 -15.24 -0.08
C GLU A 127 9.18 -14.96 -1.38
N GLU A 128 9.02 -15.85 -2.35
CA GLU A 128 9.67 -15.70 -3.65
C GLU A 128 9.13 -14.50 -4.43
N ILE A 129 7.80 -14.35 -4.45
CA ILE A 129 7.15 -13.23 -5.12
C ILE A 129 7.53 -11.88 -4.49
N SER A 130 7.50 -11.82 -3.16
CA SER A 130 7.92 -10.62 -2.42
C SER A 130 9.42 -10.35 -2.62
N GLY A 131 10.18 -11.43 -2.82
CA GLY A 131 11.60 -11.34 -3.13
C GLY A 131 11.89 -10.74 -4.50
N MET A 132 10.96 -10.93 -5.43
CA MET A 132 11.06 -10.32 -6.75
C MET A 132 10.83 -8.81 -6.65
N ILE A 133 9.83 -8.43 -5.86
CA ILE A 133 9.51 -7.01 -5.61
C ILE A 133 10.65 -6.33 -4.85
N LEU A 134 11.20 -7.02 -3.84
CA LEU A 134 12.33 -6.50 -3.07
C LEU A 134 13.59 -6.41 -3.93
N GLY A 135 13.72 -7.33 -4.88
CA GLY A 135 14.80 -7.32 -5.86
C GLY A 135 14.78 -6.06 -6.71
N LYS A 136 13.59 -5.71 -7.19
CA LYS A 136 13.36 -4.49 -7.95
C LYS A 136 13.72 -3.25 -7.14
N MET A 137 13.27 -3.20 -5.89
CA MET A 137 13.55 -2.08 -4.98
C MET A 137 15.05 -1.87 -4.74
N LYS A 138 15.78 -2.98 -4.62
CA LYS A 138 17.23 -2.94 -4.44
C LYS A 138 17.95 -2.41 -5.69
N GLN A 139 17.49 -2.85 -6.86
CA GLN A 139 18.06 -2.42 -8.14
C GLN A 139 17.89 -0.92 -8.36
N ILE A 140 16.77 -0.38 -7.92
CA ILE A 140 16.51 1.06 -7.96
C ILE A 140 17.53 1.80 -7.09
N ALA A 141 17.72 1.29 -5.88
CA ALA A 141 18.69 1.85 -4.92
C ALA A 141 20.12 1.79 -5.46
N GLU A 142 20.47 0.70 -6.13
CA GLU A 142 21.80 0.50 -6.69
C GLU A 142 22.11 1.46 -7.83
N ASP A 143 21.10 1.77 -8.64
CA ASP A 143 21.25 2.80 -9.68
C ASP A 143 21.31 4.19 -9.07
N TYR A 144 20.55 4.41 -8.00
CA TYR A 144 20.56 5.68 -7.27
C TYR A 144 21.92 5.97 -6.62
N LEU A 145 22.52 4.94 -6.03
CA LEU A 145 23.76 5.10 -5.27
C LEU A 145 25.01 4.92 -6.13
N GLY A 146 24.89 4.13 -7.19
CA GLY A 146 26.03 3.80 -8.04
C GLY A 146 26.89 2.70 -7.44
N THR A 147 26.37 2.05 -6.40
CA THR A 147 27.06 0.98 -5.69
C THR A 147 26.12 -0.17 -5.39
N LYS A 148 26.70 -1.31 -5.02
CA LYS A 148 25.95 -2.49 -4.59
C LYS A 148 25.26 -2.22 -3.26
N VAL A 149 24.06 -2.80 -3.11
CA VAL A 149 23.34 -2.79 -1.83
C VAL A 149 23.22 -4.22 -1.33
N THR A 150 23.59 -4.43 -0.06
CA THR A 150 23.61 -5.76 0.54
C THR A 150 22.69 -5.88 1.76
N HIS A 151 22.37 -4.75 2.39
CA HIS A 151 21.61 -4.71 3.63
C HIS A 151 20.44 -3.74 3.57
N ALA A 152 19.34 -4.11 4.24
CA ALA A 152 18.14 -3.30 4.24
C ALA A 152 17.38 -3.38 5.56
N VAL A 153 16.63 -2.32 5.86
CA VAL A 153 15.60 -2.32 6.88
C VAL A 153 14.25 -2.42 6.17
N VAL A 154 13.45 -3.42 6.53
CA VAL A 154 12.17 -3.65 5.85
C VAL A 154 11.00 -3.58 6.83
N THR A 155 9.95 -2.88 6.44
CA THR A 155 8.79 -2.68 7.30
C THR A 155 7.66 -3.70 7.07
N VAL A 156 6.94 -4.00 8.15
CA VAL A 156 5.74 -4.84 8.12
C VAL A 156 4.66 -4.17 8.97
N PRO A 157 3.39 -4.61 8.82
CA PRO A 157 2.34 -4.14 9.73
C PRO A 157 2.58 -4.61 11.16
N ALA A 158 2.06 -3.85 12.13
CA ALA A 158 2.22 -4.16 13.55
C ALA A 158 1.60 -5.52 13.93
N TYR A 159 0.50 -5.88 13.26
CA TYR A 159 -0.21 -7.12 13.55
C TYR A 159 0.44 -8.37 12.96
N PHE A 160 1.49 -8.17 12.17
CA PHE A 160 2.27 -9.29 11.62
C PHE A 160 2.94 -10.08 12.74
N ASN A 161 2.81 -11.40 12.66
CA ASN A 161 3.42 -12.30 13.65
C ASN A 161 4.83 -12.74 13.22
N ASP A 162 5.44 -13.63 13.99
CA ASP A 162 6.80 -14.10 13.71
C ASP A 162 6.96 -14.74 12.33
N ALA A 163 6.00 -15.59 11.95
CA ALA A 163 6.01 -16.28 10.67
C ALA A 163 5.99 -15.29 9.50
N GLN A 164 5.17 -14.25 9.64
CA GLN A 164 5.03 -13.22 8.61
C GLN A 164 6.27 -12.33 8.54
N ARG A 165 6.84 -12.03 9.71
CA ARG A 165 8.07 -11.27 9.82
C ARG A 165 9.27 -12.05 9.28
N GLN A 166 9.32 -13.34 9.60
CA GLN A 166 10.38 -14.24 9.13
C GLN A 166 10.29 -14.44 7.62
N ALA A 167 9.06 -14.61 7.11
CA ALA A 167 8.82 -14.73 5.68
C ALA A 167 9.24 -13.47 4.91
N THR A 168 9.11 -12.31 5.54
CA THR A 168 9.58 -11.05 4.97
C THR A 168 11.12 -11.00 4.93
N LYS A 169 11.75 -11.47 6.00
CA LYS A 169 13.22 -11.65 6.06
C LYS A 169 13.72 -12.59 4.95
N ASP A 170 13.05 -13.73 4.81
CA ASP A 170 13.40 -14.74 3.80
C ASP A 170 13.25 -14.19 2.38
N ALA A 171 12.26 -13.32 2.20
CA ALA A 171 12.04 -12.63 0.92
C ALA A 171 13.21 -11.71 0.60
N GLY A 172 13.78 -11.11 1.63
CA GLY A 172 14.99 -10.28 1.49
C GLY A 172 16.18 -11.11 1.04
N THR A 173 16.37 -12.25 1.69
CA THR A 173 17.45 -13.19 1.35
C THR A 173 17.39 -13.62 -0.11
N ILE A 174 16.18 -13.91 -0.60
CA ILE A 174 15.93 -14.25 -2.00
C ILE A 174 16.38 -13.12 -2.94
N ALA A 175 16.17 -11.88 -2.51
CA ALA A 175 16.57 -10.70 -3.27
C ALA A 175 18.05 -10.34 -3.08
N GLY A 176 18.74 -11.10 -2.25
CA GLY A 176 20.15 -10.86 -1.95
C GLY A 176 20.33 -9.72 -0.96
N LEU A 177 19.36 -9.59 -0.06
CA LEU A 177 19.39 -8.56 0.98
C LEU A 177 19.40 -9.18 2.37
N ASN A 178 20.32 -8.72 3.20
CA ASN A 178 20.31 -9.04 4.62
C ASN A 178 19.42 -8.04 5.34
N VAL A 179 18.21 -8.48 5.67
CA VAL A 179 17.25 -7.64 6.39
C VAL A 179 17.66 -7.56 7.86
N LEU A 180 18.37 -6.50 8.20
CA LEU A 180 18.93 -6.31 9.54
C LEU A 180 17.85 -6.11 10.60
N ARG A 181 16.85 -5.30 10.26
CA ARG A 181 15.73 -5.06 11.16
C ARG A 181 14.39 -5.19 10.42
N ILE A 182 13.41 -5.77 11.10
CA ILE A 182 12.03 -5.75 10.66
C ILE A 182 11.29 -4.76 11.57
N VAL A 183 10.80 -3.68 10.97
CA VAL A 183 10.21 -2.56 11.70
C VAL A 183 8.72 -2.46 11.40
N ASN A 184 7.93 -2.07 12.40
CA ASN A 184 6.51 -1.83 12.22
C ASN A 184 6.26 -0.55 11.43
N GLU A 185 5.28 -0.61 10.52
CA GLU A 185 4.93 0.52 9.65
C GLU A 185 4.51 1.80 10.40
N PRO A 186 3.61 1.69 11.40
CA PRO A 186 3.24 2.90 12.15
C PRO A 186 4.44 3.56 12.83
N THR A 187 5.33 2.73 13.37
CA THR A 187 6.55 3.20 14.05
C THR A 187 7.46 3.92 13.06
N ALA A 188 7.63 3.34 11.89
CA ALA A 188 8.42 3.93 10.81
C ALA A 188 7.88 5.29 10.39
N ALA A 189 6.56 5.42 10.34
CA ALA A 189 5.89 6.68 10.00
C ALA A 189 6.14 7.75 11.06
N ALA A 190 6.05 7.36 12.32
CA ALA A 190 6.34 8.26 13.45
C ALA A 190 7.81 8.67 13.49
N ILE A 191 8.69 7.74 13.15
CA ILE A 191 10.13 8.01 13.04
C ILE A 191 10.43 9.06 11.96
N ALA A 192 9.74 8.93 10.83
CA ALA A 192 9.87 9.84 9.70
C ALA A 192 9.58 11.29 10.08
N TYR A 193 8.58 11.48 10.95
CA TYR A 193 8.20 12.81 11.42
C TYR A 193 9.02 13.26 12.64
N GLY A 194 10.01 12.47 13.03
CA GLY A 194 10.91 12.81 14.13
C GLY A 194 10.28 12.72 15.51
N LEU A 195 9.18 11.98 15.61
CA LEU A 195 8.42 11.85 16.86
C LEU A 195 9.05 10.90 17.87
N ASP A 196 10.19 10.31 17.50
CA ASP A 196 10.99 9.50 18.41
C ASP A 196 11.78 10.35 19.40
N LYS A 197 12.06 11.60 19.01
CA LYS A 197 12.81 12.54 19.84
C LYS A 197 11.88 13.51 20.57
N LYS A 200 9.20 13.37 29.08
CA LYS A 200 8.18 13.83 28.13
C LYS A 200 7.64 12.71 27.24
N GLU A 201 6.81 11.86 27.86
CA GLU A 201 6.12 10.76 27.19
C GLU A 201 5.01 11.27 26.26
N HIS A 202 4.93 10.68 25.06
CA HIS A 202 3.91 11.03 24.07
C HIS A 202 3.07 9.83 23.65
N GLN A 203 1.83 10.10 23.26
CA GLN A 203 0.94 9.08 22.71
C GLN A 203 0.61 9.45 21.27
N ILE A 204 0.88 8.53 20.34
CA ILE A 204 0.74 8.80 18.91
C ILE A 204 -0.31 7.91 18.25
N ILE A 205 -1.26 8.54 17.57
CA ILE A 205 -2.20 7.82 16.71
C ILE A 205 -1.67 7.79 15.28
N VAL A 206 -1.56 6.59 14.72
CA VAL A 206 -1.20 6.43 13.32
C VAL A 206 -2.43 5.97 12.52
N TYR A 207 -2.88 6.82 11.62
CA TYR A 207 -4.05 6.58 10.79
C TYR A 207 -3.54 6.22 9.38
N ASP A 208 -3.57 4.93 9.07
CA ASP A 208 -2.93 4.40 7.86
C ASP A 208 -3.96 3.88 6.88
N LEU A 209 -4.36 4.73 5.95
CA LEU A 209 -5.31 4.36 4.91
C LEU A 209 -4.60 4.14 3.57
N GLY A 210 -4.15 2.91 3.35
CA GLY A 210 -3.43 2.54 2.13
C GLY A 210 -4.34 2.24 0.96
N GLY A 211 -3.79 1.61 -0.07
CA GLY A 211 -4.54 1.26 -1.27
C GLY A 211 -5.55 0.14 -1.05
N GLY A 212 -5.16 -0.84 -0.24
CA GLY A 212 -6.01 -2.01 0.01
C GLY A 212 -6.38 -2.27 1.45
N THR A 213 -5.55 -1.82 2.39
CA THR A 213 -5.76 -2.05 3.82
C THR A 213 -5.84 -0.75 4.63
N PHE A 214 -6.52 -0.82 5.78
CA PHE A 214 -6.64 0.31 6.70
C PHE A 214 -6.19 -0.07 8.10
N ASP A 215 -5.25 0.69 8.64
CA ASP A 215 -4.62 0.38 9.93
C ASP A 215 -4.65 1.58 10.87
N VAL A 216 -5.10 1.35 12.11
CA VAL A 216 -4.98 2.34 13.16
C VAL A 216 -4.11 1.76 14.27
N SER A 217 -3.09 2.52 14.66
CA SER A 217 -2.22 2.13 15.76
C SER A 217 -2.06 3.26 16.77
N LEU A 218 -2.02 2.89 18.05
CA LEU A 218 -1.58 3.82 19.08
C LEU A 218 -0.19 3.42 19.52
N LEU A 219 0.77 4.33 19.36
CA LEU A 219 2.13 4.12 19.82
C LEU A 219 2.43 5.01 21.01
N SER A 220 3.19 4.49 21.96
CA SER A 220 3.75 5.31 23.02
C SER A 220 5.24 5.48 22.75
N ILE A 221 5.70 6.72 22.82
CA ILE A 221 7.14 7.00 22.71
C ILE A 221 7.66 7.55 24.04
N GLU A 222 8.61 6.84 24.63
CA GLU A 222 9.15 7.21 25.93
C GLU A 222 10.47 7.96 25.79
N ASN A 223 11.60 7.24 25.87
CA ASN A 223 12.91 7.86 25.74
C ASN A 223 13.62 7.32 24.49
N GLY A 224 12.95 7.45 23.35
CA GLY A 224 13.41 6.85 22.11
C GLY A 224 12.90 5.43 21.95
N VAL A 225 12.10 4.98 22.91
CA VAL A 225 11.54 3.63 22.91
C VAL A 225 10.06 3.65 22.53
N PHE A 226 9.74 3.02 21.40
CA PHE A 226 8.36 2.88 20.94
C PHE A 226 7.74 1.59 21.49
N GLU A 227 6.46 1.67 21.82
CA GLU A 227 5.67 0.48 22.11
C GLU A 227 4.32 0.58 21.40
N VAL A 228 3.93 -0.52 20.75
CA VAL A 228 2.62 -0.61 20.12
C VAL A 228 1.59 -0.94 21.20
N GLN A 229 0.80 0.07 21.57
CA GLN A 229 -0.17 -0.08 22.66
C GLN A 229 -1.47 -0.75 22.22
N ALA A 230 -1.92 -0.44 21.00
CA ALA A 230 -3.14 -1.02 20.44
C ALA A 230 -3.21 -0.86 18.93
N THR A 231 -3.79 -1.86 18.27
CA THR A 231 -4.00 -1.82 16.83
C THR A 231 -5.42 -2.27 16.46
N SER A 232 -5.96 -1.69 15.40
CA SER A 232 -7.25 -2.08 14.84
C SER A 232 -7.30 -1.63 13.40
N GLY A 233 -8.43 -1.89 12.73
CA GLY A 233 -8.60 -1.45 11.35
C GLY A 233 -9.43 -2.37 10.49
N ASP A 234 -9.21 -2.29 9.19
CA ASP A 234 -9.97 -3.04 8.21
C ASP A 234 -9.04 -3.43 7.07
N THR A 235 -8.77 -4.74 6.97
CA THR A 235 -7.84 -5.26 5.96
C THR A 235 -8.39 -5.18 4.53
N HIS A 236 -9.67 -4.82 4.39
CA HIS A 236 -10.31 -4.70 3.09
C HIS A 236 -11.00 -3.35 2.86
N LEU A 237 -10.41 -2.31 3.44
CA LEU A 237 -10.82 -0.94 3.18
C LEU A 237 -9.58 -0.13 2.81
N GLY A 238 -9.57 0.40 1.60
CA GLY A 238 -8.44 1.19 1.12
C GLY A 238 -8.80 2.14 0.00
N GLY A 239 -7.78 2.77 -0.57
CA GLY A 239 -7.94 3.72 -1.68
C GLY A 239 -8.65 3.16 -2.89
N GLU A 240 -8.40 1.88 -3.18
CA GLU A 240 -9.00 1.19 -4.33
C GLU A 240 -10.52 1.06 -4.20
N ASP A 241 -11.00 1.04 -2.96
CA ASP A 241 -12.44 0.98 -2.67
C ASP A 241 -13.12 2.33 -2.94
N PHE A 242 -12.37 3.42 -2.75
CA PHE A 242 -12.87 4.75 -3.12
C PHE A 242 -12.80 4.92 -4.63
N ASP A 243 -11.81 4.30 -5.25
CA ASP A 243 -11.64 4.30 -6.70
C ASP A 243 -12.77 3.55 -7.40
N TYR A 244 -13.15 2.40 -6.83
CA TYR A 244 -14.17 1.53 -7.40
C TYR A 244 -15.55 2.20 -7.45
N LYS A 245 -15.80 3.11 -6.51
CA LYS A 245 -17.02 3.91 -6.49
C LYS A 245 -17.10 4.87 -7.68
N ILE A 246 -15.94 5.38 -8.11
CA ILE A 246 -15.84 6.23 -9.29
C ILE A 246 -16.02 5.40 -10.56
N VAL A 247 -15.43 4.20 -10.57
CA VAL A 247 -15.53 3.28 -11.70
C VAL A 247 -17.00 2.92 -12.00
N ARG A 248 -17.75 2.62 -10.94
CA ARG A 248 -19.18 2.31 -11.05
C ARG A 248 -20.00 3.46 -11.65
N GLN A 249 -19.59 4.69 -11.32
CA GLN A 249 -20.24 5.89 -11.88
C GLN A 249 -19.94 6.07 -13.36
N LEU A 250 -18.70 5.77 -13.74
CA LEU A 250 -18.29 5.86 -15.15
C LEU A 250 -18.93 4.77 -16.01
N ILE A 251 -19.23 3.63 -15.40
CA ILE A 251 -19.93 2.53 -16.07
C ILE A 251 -21.37 2.89 -16.44
N LYS A 252 -22.07 3.58 -15.54
CA LYS A 252 -23.47 3.95 -15.77
C LYS A 252 -23.63 5.21 -16.63
N LYS A 256 -25.67 4.43 -20.32
CA LYS A 256 -26.68 5.48 -20.27
C LYS A 256 -26.61 6.38 -21.49
N LYS A 257 -25.47 7.04 -21.68
CA LYS A 257 -25.21 7.88 -22.86
C LYS A 257 -25.13 7.01 -24.12
N HIS A 258 -24.50 5.84 -23.95
CA HIS A 258 -24.38 4.85 -25.01
C HIS A 258 -24.96 3.53 -24.48
N GLY A 259 -25.18 2.57 -25.37
CA GLY A 259 -25.80 1.30 -24.98
C GLY A 259 -24.82 0.19 -24.69
N ILE A 260 -23.76 0.53 -23.96
CA ILE A 260 -22.67 -0.41 -23.69
C ILE A 260 -22.40 -0.49 -22.18
N ASP A 261 -22.57 -1.69 -21.62
CA ASP A 261 -22.22 -1.96 -20.23
C ASP A 261 -20.86 -2.65 -20.22
N VAL A 262 -19.87 -1.97 -19.65
CA VAL A 262 -18.48 -2.46 -19.67
C VAL A 262 -18.10 -3.28 -18.43
N SER A 263 -19.11 -3.83 -17.76
CA SER A 263 -18.92 -4.61 -16.54
C SER A 263 -18.20 -5.94 -16.78
N ASP A 264 -18.35 -6.49 -17.98
CA ASP A 264 -17.71 -7.75 -18.35
C ASP A 264 -16.39 -7.54 -19.11
N ASN A 265 -16.13 -6.31 -19.51
CA ASN A 265 -14.92 -5.95 -20.25
C ASN A 265 -13.79 -5.57 -19.32
N ASN A 266 -12.90 -6.52 -19.04
CA ASN A 266 -11.79 -6.31 -18.11
C ASN A 266 -10.73 -5.34 -18.62
N LYS A 267 -10.54 -5.30 -19.94
CA LYS A 267 -9.60 -4.37 -20.58
C LYS A 267 -10.07 -2.93 -20.39
N ALA A 268 -11.37 -2.71 -20.55
CA ALA A 268 -11.99 -1.39 -20.38
C ALA A 268 -12.10 -1.00 -18.91
N LEU A 269 -12.30 -1.99 -18.05
CA LEU A 269 -12.38 -1.78 -16.61
C LEU A 269 -11.04 -1.35 -16.01
N ALA A 270 -9.95 -1.90 -16.54
CA ALA A 270 -8.60 -1.54 -16.12
C ALA A 270 -8.27 -0.09 -16.49
N LYS A 271 -8.78 0.36 -17.64
CA LYS A 271 -8.65 1.75 -18.07
C LYS A 271 -9.34 2.70 -17.08
N LEU A 272 -10.55 2.32 -16.66
CA LEU A 272 -11.32 3.11 -15.71
C LEU A 272 -10.64 3.21 -14.36
N LYS A 273 -10.09 2.09 -13.89
CA LYS A 273 -9.36 2.05 -12.61
C LYS A 273 -8.17 3.01 -12.59
N ARG A 274 -7.45 3.07 -13.71
CA ARG A 274 -6.32 4.00 -13.88
C ARG A 274 -6.77 5.46 -13.75
N GLU A 275 -7.85 5.81 -14.46
CA GLU A 275 -8.35 7.18 -14.49
C GLU A 275 -9.06 7.55 -13.18
N ALA A 276 -9.74 6.58 -12.57
CA ALA A 276 -10.40 6.79 -11.28
C ALA A 276 -9.38 7.03 -10.18
N GLU A 277 -8.22 6.40 -10.31
CA GLU A 277 -7.08 6.60 -9.41
C GLU A 277 -6.54 8.02 -9.57
N LYS A 278 -6.46 8.48 -10.82
CA LYS A 278 -6.02 9.84 -11.14
C LYS A 278 -7.03 10.90 -10.72
N ALA A 279 -8.32 10.56 -10.84
CA ALA A 279 -9.40 11.48 -10.49
C ALA A 279 -9.49 11.74 -8.99
N LYS A 280 -9.25 10.69 -8.20
CA LYS A 280 -9.21 10.78 -6.74
C LYS A 280 -8.04 11.66 -6.29
N ARG A 281 -6.90 11.50 -6.95
CA ARG A 281 -5.69 12.28 -6.66
C ARG A 281 -5.89 13.76 -6.99
N ALA A 282 -6.58 14.02 -8.09
CA ALA A 282 -6.86 15.40 -8.54
C ALA A 282 -7.83 16.12 -7.61
N LEU A 283 -8.86 15.40 -7.16
CA LEU A 283 -9.90 15.97 -6.30
C LEU A 283 -9.43 16.25 -4.87
N SER A 284 -8.20 15.83 -4.56
CA SER A 284 -7.57 16.16 -3.28
C SER A 284 -7.06 17.59 -3.27
N SER A 285 -6.81 18.13 -4.47
CA SER A 285 -6.31 19.50 -4.63
C SER A 285 -7.30 20.41 -5.39
N GLN A 286 -8.15 19.80 -6.21
CA GLN A 286 -9.10 20.54 -7.04
C GLN A 286 -10.55 20.25 -6.67
N MET A 287 -11.46 21.13 -7.09
CA MET A 287 -12.88 20.97 -6.82
C MET A 287 -13.58 20.15 -7.91
N SER A 288 -12.98 20.14 -9.11
CA SER A 288 -13.48 19.35 -10.24
C SER A 288 -12.33 18.70 -10.99
N THR A 289 -12.64 17.62 -11.70
CA THR A 289 -11.66 16.94 -12.56
C THR A 289 -12.28 16.45 -13.87
N ARG A 290 -11.50 16.50 -14.94
CA ARG A 290 -11.92 16.01 -16.25
C ARG A 290 -11.45 14.57 -16.47
N ILE A 291 -12.39 13.64 -16.54
CA ILE A 291 -12.08 12.24 -16.83
C ILE A 291 -12.39 11.97 -18.31
N GLU A 292 -11.33 11.72 -19.08
CA GLU A 292 -11.45 11.53 -20.52
C GLU A 292 -10.59 10.39 -21.04
N ILE A 293 -11.20 9.49 -21.81
CA ILE A 293 -10.49 8.41 -22.50
C ILE A 293 -10.86 8.46 -23.98
N ASP A 294 -9.86 8.66 -24.83
CA ASP A 294 -10.08 8.82 -26.26
C ASP A 294 -9.31 7.77 -27.07
N SER A 295 -9.96 6.67 -27.45
CA SER A 295 -11.36 6.40 -27.14
C SER A 295 -11.52 5.16 -26.26
N PHE A 296 -12.58 5.16 -25.44
CA PHE A 296 -12.82 4.13 -24.43
C PHE A 296 -13.10 2.75 -25.02
N VAL A 297 -14.32 2.53 -25.52
CA VAL A 297 -14.69 1.26 -26.15
C VAL A 297 -15.07 1.43 -27.62
N ASP A 298 -14.72 0.44 -28.43
CA ASP A 298 -14.92 0.45 -29.88
C ASP A 298 -14.19 1.65 -30.50
N GLY A 299 -14.88 2.77 -30.63
CA GLY A 299 -14.29 4.01 -31.13
C GLY A 299 -14.89 5.24 -30.48
N ILE A 300 -15.65 5.02 -29.40
CA ILE A 300 -16.41 6.08 -28.74
C ILE A 300 -15.67 6.64 -27.53
N ASP A 301 -15.66 7.96 -27.41
CA ASP A 301 -15.01 8.66 -26.30
C ASP A 301 -15.80 8.52 -25.00
N LEU A 302 -15.07 8.48 -23.89
CA LEU A 302 -15.65 8.64 -22.56
C LEU A 302 -15.26 10.01 -22.06
N SER A 303 -16.26 10.80 -21.64
CA SER A 303 -16.03 12.14 -21.14
C SER A 303 -17.00 12.44 -20.01
N GLU A 304 -16.48 12.47 -18.79
CA GLU A 304 -17.29 12.70 -17.60
C GLU A 304 -16.63 13.69 -16.65
N THR A 305 -17.47 14.46 -15.95
CA THR A 305 -17.01 15.37 -14.90
C THR A 305 -17.39 14.80 -13.54
N LEU A 306 -16.44 14.83 -12.60
CA LEU A 306 -16.70 14.40 -11.24
C LEU A 306 -16.35 15.51 -10.26
N THR A 307 -17.36 15.96 -9.51
CA THR A 307 -17.17 16.94 -8.46
C THR A 307 -16.58 16.27 -7.22
N ARG A 308 -15.90 17.05 -6.39
CA ARG A 308 -15.43 16.58 -5.08
C ARG A 308 -16.63 16.20 -4.21
N ALA A 309 -17.70 16.99 -4.34
CA ALA A 309 -18.95 16.76 -3.61
C ALA A 309 -19.59 15.41 -3.94
N LYS A 310 -19.51 15.01 -5.20
CA LYS A 310 -20.03 13.72 -5.64
C LYS A 310 -19.16 12.56 -5.15
N PHE A 311 -17.84 12.77 -5.18
CA PHE A 311 -16.89 11.79 -4.67
C PHE A 311 -17.04 11.56 -3.17
N GLU A 312 -17.21 12.65 -2.42
CA GLU A 312 -17.47 12.60 -0.98
C GLU A 312 -18.78 11.87 -0.70
N GLU A 313 -19.82 12.24 -1.44
CA GLU A 313 -21.15 11.65 -1.33
C GLU A 313 -21.15 10.13 -1.45
N LEU A 314 -20.46 9.63 -2.49
CA LEU A 314 -20.38 8.19 -2.76
C LEU A 314 -19.58 7.42 -1.72
N ASN A 315 -18.60 8.08 -1.11
CA ASN A 315 -17.66 7.43 -0.20
C ASN A 315 -17.81 7.81 1.28
N LEU A 316 -18.86 8.56 1.59
CA LEU A 316 -19.07 9.08 2.96
C LEU A 316 -19.23 7.97 4.00
N ASP A 317 -19.98 6.92 3.66
CA ASP A 317 -20.14 5.77 4.54
C ASP A 317 -18.82 5.05 4.81
N LEU A 318 -17.98 4.94 3.78
CA LEU A 318 -16.66 4.33 3.91
C LEU A 318 -15.69 5.20 4.69
N PHE A 319 -15.83 6.52 4.56
CA PHE A 319 -15.01 7.48 5.29
C PHE A 319 -15.32 7.46 6.79
N LYS A 320 -16.61 7.44 7.12
CA LYS A 320 -17.06 7.42 8.51
C LYS A 320 -16.74 6.11 9.22
N LYS A 321 -16.72 5.03 8.44
CA LYS A 321 -16.42 3.68 8.95
C LYS A 321 -14.98 3.56 9.48
N THR A 322 -14.10 4.46 9.02
CA THR A 322 -12.69 4.45 9.44
C THR A 322 -12.50 4.93 10.88
N LEU A 323 -13.51 5.62 11.42
CA LEU A 323 -13.43 6.17 12.77
C LEU A 323 -13.71 5.13 13.85
N LYS A 324 -14.39 4.04 13.49
CA LYS A 324 -14.69 2.95 14.42
C LYS A 324 -13.42 2.28 14.98
N PRO A 325 -12.48 1.87 14.10
CA PRO A 325 -11.21 1.32 14.59
C PRO A 325 -10.37 2.31 15.40
N VAL A 326 -10.53 3.62 15.12
CA VAL A 326 -9.87 4.67 15.90
C VAL A 326 -10.43 4.70 17.33
N GLU A 327 -11.74 4.52 17.44
CA GLU A 327 -12.43 4.41 18.73
C GLU A 327 -12.00 3.16 19.49
N LYS A 328 -11.90 2.03 18.78
CA LYS A 328 -11.51 0.75 19.37
C LYS A 328 -10.07 0.79 19.91
N VAL A 329 -9.19 1.49 19.19
CA VAL A 329 -7.80 1.66 19.59
C VAL A 329 -7.67 2.44 20.90
N LEU A 330 -8.52 3.47 21.05
CA LEU A 330 -8.50 4.33 22.24
C LEU A 330 -8.97 3.63 23.52
N GLN A 331 -9.98 2.76 23.39
CA GLN A 331 -10.53 2.05 24.55
C GLN A 331 -9.79 0.75 24.88
N ASP A 332 -9.06 0.20 23.90
CA ASP A 332 -8.16 -0.94 24.14
C ASP A 332 -6.89 -0.48 24.84
N SER A 333 -6.59 0.81 24.70
CA SER A 333 -5.60 1.48 25.55
C SER A 333 -6.37 2.10 26.72
N GLY A 334 -5.66 2.79 27.61
CA GLY A 334 -6.33 3.47 28.72
C GLY A 334 -6.52 4.96 28.45
N LEU A 335 -6.85 5.29 27.21
CA LEU A 335 -6.78 6.69 26.76
C LEU A 335 -8.09 7.31 26.29
N GLU A 336 -8.18 8.63 26.51
CA GLU A 336 -9.24 9.46 25.97
C GLU A 336 -8.68 10.21 24.76
N LYS A 337 -9.56 10.84 23.98
CA LYS A 337 -9.16 11.60 22.79
C LYS A 337 -8.10 12.65 23.09
N LYS A 338 -8.22 13.31 24.25
CA LYS A 338 -7.33 14.39 24.65
C LYS A 338 -5.92 13.91 25.02
N ASP A 339 -5.80 12.61 25.32
CA ASP A 339 -4.52 12.02 25.70
C ASP A 339 -3.56 11.87 24.51
N VAL A 340 -4.12 11.95 23.30
CA VAL A 340 -3.36 11.82 22.06
C VAL A 340 -2.51 13.07 21.81
N ASP A 341 -1.19 12.88 21.74
CA ASP A 341 -0.24 13.97 21.53
C ASP A 341 0.00 14.28 20.06
N ASP A 342 0.02 13.24 19.22
CA ASP A 342 0.31 13.38 17.79
C ASP A 342 -0.56 12.48 16.91
N ILE A 343 -0.92 12.99 15.74
CA ILE A 343 -1.64 12.20 14.73
C ILE A 343 -0.82 12.16 13.45
N VAL A 344 -0.49 10.95 13.01
CA VAL A 344 0.28 10.73 11.79
C VAL A 344 -0.61 10.12 10.71
N LEU A 345 -0.59 10.73 9.53
CA LEU A 345 -1.35 10.25 8.37
C LEU A 345 -0.45 9.47 7.41
N VAL A 346 -0.87 8.25 7.10
CA VAL A 346 -0.14 7.37 6.17
C VAL A 346 -1.08 6.88 5.07
N GLY A 347 -0.60 6.87 3.84
CA GLY A 347 -1.38 6.40 2.69
C GLY A 347 -1.96 7.53 1.86
N GLY A 348 -2.11 7.28 0.56
CA GLY A 348 -2.59 8.28 -0.38
C GLY A 348 -3.93 8.91 -0.04
N SER A 349 -4.86 8.08 0.43
CA SER A 349 -6.23 8.53 0.69
C SER A 349 -6.38 9.48 1.88
N THR A 350 -5.31 9.65 2.65
CA THR A 350 -5.31 10.62 3.75
C THR A 350 -5.17 12.06 3.23
N ARG A 351 -4.89 12.19 1.93
CA ARG A 351 -4.87 13.50 1.27
C ARG A 351 -6.28 14.05 1.10
N ILE A 352 -7.25 13.15 0.94
CA ILE A 352 -8.65 13.53 0.75
C ILE A 352 -9.11 14.48 1.86
N PRO A 353 -9.51 15.70 1.49
CA PRO A 353 -9.88 16.74 2.46
C PRO A 353 -10.99 16.32 3.42
N LYS A 354 -11.94 15.52 2.93
CA LYS A 354 -13.04 15.03 3.76
C LYS A 354 -12.57 14.05 4.84
N VAL A 355 -11.61 13.21 4.49
CA VAL A 355 -11.00 12.25 5.42
C VAL A 355 -10.29 13.00 6.56
N GLN A 356 -9.51 14.01 6.19
CA GLN A 356 -8.83 14.86 7.17
C GLN A 356 -9.81 15.60 8.07
N GLN A 357 -10.87 16.14 7.45
CA GLN A 357 -11.92 16.87 8.15
C GLN A 357 -12.62 16.01 9.21
N LEU A 358 -12.96 14.76 8.84
CA LEU A 358 -13.66 13.85 9.73
C LEU A 358 -12.79 13.39 10.90
N LEU A 359 -11.49 13.23 10.65
CA LEU A 359 -10.55 12.84 11.68
C LEU A 359 -10.22 14.00 12.63
N GLU A 360 -10.09 15.20 12.06
CA GLU A 360 -9.82 16.41 12.86
C GLU A 360 -10.95 16.71 13.84
N SER A 361 -12.19 16.64 13.36
CA SER A 361 -13.36 16.88 14.20
C SER A 361 -13.63 15.74 15.19
N TYR A 362 -13.15 14.53 14.86
CA TYR A 362 -13.17 13.42 15.81
C TYR A 362 -12.23 13.69 16.98
N PHE A 363 -11.07 14.27 16.68
CA PHE A 363 -10.12 14.68 17.71
C PHE A 363 -10.28 16.16 18.10
N ASP A 364 -11.49 16.69 17.90
CA ASP A 364 -11.90 18.02 18.36
C ASP A 364 -11.02 19.18 17.86
N GLY A 365 -10.61 19.11 16.59
CA GLY A 365 -9.85 20.19 15.96
C GLY A 365 -8.35 19.97 15.94
N LYS A 366 -7.89 18.85 16.51
CA LYS A 366 -6.48 18.48 16.53
C LYS A 366 -5.96 18.21 15.11
N LYS A 367 -4.99 19.02 14.69
CA LYS A 367 -4.40 18.91 13.35
C LYS A 367 -3.33 17.83 13.33
N ALA A 368 -3.30 17.07 12.24
CA ALA A 368 -2.30 16.01 12.06
C ALA A 368 -0.94 16.58 11.65
N SER A 369 0.10 15.78 11.82
CA SER A 369 1.43 16.10 11.30
C SER A 369 1.38 16.17 9.78
N LYS A 370 2.22 17.02 9.21
CA LYS A 370 2.34 17.16 7.75
C LYS A 370 3.75 17.60 7.34
N GLY A 371 4.08 17.37 6.07
CA GLY A 371 5.40 17.71 5.54
C GLY A 371 5.97 16.61 4.66
N ILE A 372 5.58 15.37 4.96
CA ILE A 372 6.03 14.22 4.17
C ILE A 372 4.86 13.66 3.36
N ASN A 373 5.14 13.27 2.12
CA ASN A 373 4.19 12.59 1.27
C ASN A 373 3.72 11.30 1.97
N PRO A 374 2.39 11.20 2.24
CA PRO A 374 1.81 10.05 2.95
C PRO A 374 2.02 8.69 2.28
N ASP A 375 2.38 8.69 1.00
CA ASP A 375 2.76 7.46 0.29
C ASP A 375 4.20 7.06 0.60
N GLU A 376 4.98 8.01 1.07
CA GLU A 376 6.42 7.83 1.23
C GLU A 376 6.89 7.83 2.69
N ALA A 377 5.97 8.07 3.62
CA ALA A 377 6.29 8.21 5.05
C ALA A 377 6.87 6.96 5.71
N VAL A 378 6.35 5.79 5.36
CA VAL A 378 6.85 4.53 5.92
C VAL A 378 8.29 4.21 5.46
N ALA A 379 8.54 4.33 4.16
CA ALA A 379 9.87 4.11 3.59
C ALA A 379 10.87 5.14 4.10
N TYR A 380 10.39 6.38 4.28
CA TYR A 380 11.18 7.47 4.84
C TYR A 380 11.75 7.07 6.20
N GLY A 381 10.86 6.61 7.10
CA GLY A 381 11.24 6.20 8.45
C GLY A 381 12.07 4.93 8.50
N ALA A 382 11.83 4.02 7.56
CA ALA A 382 12.63 2.80 7.42
C ALA A 382 14.07 3.16 7.10
N ALA A 383 14.23 4.15 6.22
CA ALA A 383 15.55 4.63 5.81
C ALA A 383 16.27 5.35 6.93
N VAL A 384 15.52 6.09 7.75
CA VAL A 384 16.09 6.80 8.90
C VAL A 384 16.71 5.80 9.89
N GLN A 385 15.95 4.76 10.22
CA GLN A 385 16.45 3.70 11.10
C GLN A 385 17.57 2.89 10.45
N ALA A 386 17.52 2.77 9.12
CA ALA A 386 18.58 2.11 8.34
C ALA A 386 19.90 2.87 8.44
N GLY A 387 19.83 4.19 8.44
CA GLY A 387 21.01 5.05 8.51
C GLY A 387 21.71 5.02 9.87
N VAL A 388 20.98 4.56 10.88
CA VAL A 388 21.54 4.37 12.23
C VAL A 388 22.04 2.93 12.37
N LEU A 389 21.78 2.11 11.35
CA LEU A 389 22.13 0.69 11.31
C LEU A 389 21.23 -0.15 12.23
#